data_8HZ7
#
_entry.id   8HZ7
#
_cell.length_a   76.953
_cell.length_b   83.828
_cell.length_c   62.389
_cell.angle_alpha   90.00
_cell.angle_beta   100.90
_cell.angle_gamma   90.00
#
_symmetry.space_group_name_H-M   'C 1 2 1'
#
loop_
_entity.id
_entity.type
_entity.pdbx_description
1 polymer '4-hydroxyphenylpyruvate dioxygenase'
2 non-polymer 'COBALT (II) ION'
3 non-polymer 3-butyl-5-methyl-6-[(2-methyl-3-oxidanylidene-1H-pyrazol-4-yl)carbonyl]-1,2,3-benzotriazin-4-one
4 water water
#
_entity_poly.entity_id   1
_entity_poly.type   'polypeptide(L)'
_entity_poly.pdbx_seq_one_letter_code
;GSHMVRKNPKSDKFKVKRFHHIEFWCGDATNVARRFSWGLGMRFSAKSDLSTGNMVHASYLLTSGDLRFLFTAPYSPSLS
AGEIKPTTTASIPSFDHGSCRSFFSSHGLGVRAVAIEVEDAESAFSISVANGAIPSSPPIVLNEAVTIAEVKLYGDVVLR
YVSYKAEDTEKSEFLPGFERVEDASSFPLDYGIRRLDHAVGNVPELGPALTYVAGFTGFHQFAEFTADDVGTAESGLNSA
VLASNDEMVLLPINEPVHGTKRKSQIQTYLEHNEGAGLQHLALMSEDIFRTLREMRKRSSIGGFDFMPSPPPTYYQNLKK
RVGDVLSDDQIKECEELGILVDRDDQGTLLQIFTKPLGDRPTIFIEIIQRVGCMMKDEEGKAYQSGGCGGFGKGNFSELF
KSIEEYEKTLEAKQLVG
;
_entity_poly.pdbx_strand_id   A
#
loop_
_chem_comp.id
_chem_comp.type
_chem_comp.name
_chem_comp.formula
CO non-polymer 'COBALT (II) ION' 'Co 2'
O3Q non-polymer 3-butyl-5-methyl-6-[(2-methyl-3-oxidanylidene-1H-pyrazol-4-yl)carbonyl]-1,2,3-benzotriazin-4-one 'C17 H19 N5 O3'
#
# COMPACT_ATOMS: atom_id res chain seq x y z
N LYS A 7 -0.34 9.23 22.87
CA LYS A 7 -0.43 10.68 22.75
C LYS A 7 -0.40 11.10 21.28
N ASN A 8 -1.40 11.89 20.89
CA ASN A 8 -1.55 12.35 19.50
C ASN A 8 -1.54 13.88 19.50
N PRO A 9 -0.41 14.51 19.18
CA PRO A 9 -0.34 15.97 19.20
C PRO A 9 -1.05 16.68 18.05
N LYS A 10 -1.60 15.94 17.09
CA LYS A 10 -2.36 16.50 15.97
C LYS A 10 -1.62 17.65 15.29
N SER A 11 -0.41 17.34 14.80
CA SER A 11 0.51 18.35 14.32
C SER A 11 0.61 18.43 12.78
N ASP A 12 -0.33 17.82 12.04
CA ASP A 12 -0.32 17.90 10.58
C ASP A 12 -0.17 19.35 10.12
N LYS A 13 0.78 19.59 9.22
CA LYS A 13 1.03 20.94 8.75
C LYS A 13 0.06 21.38 7.65
N PHE A 14 -0.77 20.47 7.15
CA PHE A 14 -1.85 20.78 6.23
C PHE A 14 -2.94 19.75 6.43
N LYS A 15 -4.12 20.02 5.85
CA LYS A 15 -5.28 19.17 6.06
C LYS A 15 -5.22 17.94 5.16
N VAL A 16 -5.12 16.77 5.78
CA VAL A 16 -5.05 15.48 5.09
C VAL A 16 -6.38 14.77 5.29
N LYS A 17 -6.89 14.11 4.25
CA LYS A 17 -8.15 13.42 4.40
C LYS A 17 -7.90 11.91 4.51
N ARG A 18 -7.82 11.22 3.39
CA ARG A 18 -7.61 9.77 3.42
C ARG A 18 -6.63 9.39 2.33
N PHE A 19 -6.15 8.14 2.41
CA PHE A 19 -5.47 7.54 1.27
C PHE A 19 -6.38 7.64 0.05
N HIS A 20 -5.80 8.00 -1.09
CA HIS A 20 -6.58 8.17 -2.31
C HIS A 20 -6.34 7.05 -3.31
N HIS A 21 -5.08 6.79 -3.65
CA HIS A 21 -4.77 5.69 -4.55
C HIS A 21 -3.31 5.32 -4.41
N ILE A 22 -2.97 4.16 -4.97
CA ILE A 22 -1.60 3.66 -5.04
C ILE A 22 -1.32 3.47 -6.53
N GLU A 23 -0.20 4.00 -7.01
CA GLU A 23 0.17 3.81 -8.42
C GLU A 23 1.40 2.92 -8.54
N PHE A 24 1.25 1.83 -9.31
CA PHE A 24 2.34 0.95 -9.70
C PHE A 24 2.91 1.41 -11.04
N TRP A 25 4.22 1.41 -11.13
CA TRP A 25 4.86 1.63 -12.41
C TRP A 25 5.28 0.27 -12.95
N CYS A 26 4.86 -0.01 -14.17
CA CYS A 26 4.86 -1.34 -14.76
C CYS A 26 5.63 -1.29 -16.06
N GLY A 27 5.92 -2.46 -16.60
CA GLY A 27 6.41 -2.45 -17.96
C GLY A 27 5.26 -2.64 -18.94
N ASP A 28 4.30 -3.46 -18.54
CA ASP A 28 3.04 -3.64 -19.27
C ASP A 28 1.89 -3.51 -18.27
N ALA A 29 1.18 -2.39 -18.33
CA ALA A 29 0.12 -2.15 -17.35
C ALA A 29 -1.05 -3.12 -17.53
N THR A 30 -1.34 -3.52 -18.78
CA THR A 30 -2.47 -4.40 -19.05
C THR A 30 -2.35 -5.72 -18.29
N ASN A 31 -1.19 -6.38 -18.42
CA ASN A 31 -1.07 -7.71 -17.85
C ASN A 31 -1.00 -7.66 -16.33
N VAL A 32 -0.33 -6.65 -15.76
CA VAL A 32 -0.33 -6.55 -14.31
C VAL A 32 -1.72 -6.24 -13.79
N ALA A 33 -2.42 -5.29 -14.42
CA ALA A 33 -3.77 -4.94 -13.97
C ALA A 33 -4.72 -6.12 -14.07
N ARG A 34 -4.63 -6.91 -15.16
CA ARG A 34 -5.54 -8.05 -15.26
C ARG A 34 -5.25 -9.10 -14.21
N ARG A 35 -3.96 -9.36 -13.94
CA ARG A 35 -3.59 -10.31 -12.89
C ARG A 35 -4.09 -9.84 -11.52
N PHE A 36 -3.84 -8.57 -11.18
CA PHE A 36 -4.28 -8.05 -9.88
C PHE A 36 -5.80 -8.07 -9.74
N SER A 37 -6.51 -7.72 -10.82
CA SER A 37 -7.97 -7.71 -10.80
C SER A 37 -8.53 -9.06 -10.39
N TRP A 38 -8.05 -10.11 -11.06
CA TRP A 38 -8.51 -11.46 -10.76
C TRP A 38 -8.04 -11.91 -9.39
N GLY A 39 -6.79 -11.63 -9.04
CA GLY A 39 -6.22 -12.14 -7.81
C GLY A 39 -6.82 -11.50 -6.56
N LEU A 40 -7.20 -10.22 -6.64
CA LEU A 40 -7.66 -9.45 -5.49
C LEU A 40 -9.14 -9.12 -5.54
N GLY A 41 -9.81 -9.37 -6.65
CA GLY A 41 -11.24 -9.10 -6.75
C GLY A 41 -11.50 -7.62 -6.86
N MET A 42 -10.76 -6.97 -7.76
CA MET A 42 -10.93 -5.56 -8.00
C MET A 42 -11.48 -5.37 -9.40
N ARG A 43 -12.38 -4.40 -9.55
CA ARG A 43 -13.06 -4.15 -10.81
C ARG A 43 -12.27 -3.14 -11.63
N PHE A 44 -12.26 -3.30 -12.96
CA PHE A 44 -11.71 -2.27 -13.83
C PHE A 44 -12.66 -1.06 -13.85
N SER A 45 -12.17 0.09 -13.40
CA SER A 45 -13.03 1.25 -13.18
C SER A 45 -12.78 2.40 -14.13
N ALA A 46 -11.53 2.70 -14.49
CA ALA A 46 -11.25 3.83 -15.36
C ALA A 46 -9.99 3.54 -16.18
N LYS A 47 -9.84 4.24 -17.29
CA LYS A 47 -8.66 4.08 -18.11
C LYS A 47 -8.24 5.40 -18.74
N SER A 48 -6.95 5.51 -19.01
CA SER A 48 -6.38 6.59 -19.81
C SER A 48 -5.30 5.93 -20.66
N ASP A 49 -5.52 5.89 -21.97
CA ASP A 49 -4.60 5.16 -22.84
C ASP A 49 -4.83 5.64 -24.27
N LEU A 50 -4.31 4.89 -25.25
CA LEU A 50 -4.46 5.32 -26.65
C LEU A 50 -5.91 5.54 -27.01
N SER A 51 -6.81 4.69 -26.53
CA SER A 51 -8.22 4.83 -26.87
C SER A 51 -8.84 6.10 -26.28
N THR A 52 -8.23 6.72 -25.28
CA THR A 52 -8.73 7.97 -24.73
C THR A 52 -7.93 9.17 -25.18
N GLY A 53 -6.99 8.99 -26.10
CA GLY A 53 -6.20 10.09 -26.62
C GLY A 53 -4.86 10.29 -25.95
N ASN A 54 -4.51 9.44 -24.99
CA ASN A 54 -3.23 9.53 -24.30
C ASN A 54 -2.17 8.80 -25.13
N MET A 55 -1.24 9.55 -25.71
CA MET A 55 -0.15 9.01 -26.51
C MET A 55 1.10 8.76 -25.71
N VAL A 56 1.06 9.02 -24.40
CA VAL A 56 2.25 9.02 -23.55
C VAL A 56 2.32 7.77 -22.69
N HIS A 57 1.25 7.48 -21.94
CA HIS A 57 1.25 6.34 -21.03
C HIS A 57 -0.10 5.63 -21.06
N ALA A 58 -0.05 4.33 -20.76
CA ALA A 58 -1.24 3.52 -20.54
C ALA A 58 -1.47 3.41 -19.04
N SER A 59 -2.64 3.83 -18.56
CA SER A 59 -2.96 3.79 -17.14
C SER A 59 -4.31 3.16 -16.92
N TYR A 60 -4.37 2.13 -16.08
CA TYR A 60 -5.61 1.43 -15.79
C TYR A 60 -5.89 1.42 -14.30
N LEU A 61 -7.11 1.77 -13.93
CA LEU A 61 -7.50 1.91 -12.53
C LEU A 61 -8.38 0.74 -12.12
N LEU A 62 -7.99 0.05 -11.05
CA LEU A 62 -8.82 -0.98 -10.41
C LEU A 62 -9.36 -0.44 -9.10
N THR A 63 -10.59 -0.80 -8.76
CA THR A 63 -11.17 -0.34 -7.51
C THR A 63 -11.81 -1.51 -6.76
N SER A 64 -11.74 -1.45 -5.43
CA SER A 64 -12.56 -2.32 -4.58
C SER A 64 -12.96 -1.49 -3.38
N GLY A 65 -14.25 -1.19 -3.27
CA GLY A 65 -14.67 -0.25 -2.24
C GLY A 65 -13.98 1.08 -2.47
N ASP A 66 -13.27 1.58 -1.46
CA ASP A 66 -12.52 2.82 -1.60
C ASP A 66 -11.07 2.57 -1.98
N LEU A 67 -10.67 1.31 -2.15
CA LEU A 67 -9.28 1.03 -2.55
C LEU A 67 -9.14 1.32 -4.03
N ARG A 68 -8.11 2.08 -4.39
CA ARG A 68 -7.83 2.40 -5.80
C ARG A 68 -6.41 2.02 -6.12
N PHE A 69 -6.24 1.08 -7.04
CA PHE A 69 -4.94 0.67 -7.56
C PHE A 69 -4.83 1.14 -9.02
N LEU A 70 -3.80 1.95 -9.31
CA LEU A 70 -3.52 2.45 -10.65
C LEU A 70 -2.27 1.76 -11.20
N PHE A 71 -2.36 1.27 -12.45
CA PHE A 71 -1.23 0.61 -13.14
C PHE A 71 -0.89 1.40 -14.37
N THR A 72 0.37 1.85 -14.47
CA THR A 72 0.82 2.72 -15.53
C THR A 72 2.10 2.21 -16.16
N ALA A 73 2.18 2.30 -17.49
CA ALA A 73 3.36 1.93 -18.25
C ALA A 73 3.53 2.92 -19.39
N PRO A 74 4.77 3.16 -19.83
CA PRO A 74 4.99 4.11 -20.93
C PRO A 74 4.78 3.47 -22.29
N TYR A 75 4.25 4.25 -23.23
CA TYR A 75 4.30 3.90 -24.64
C TYR A 75 5.67 4.25 -25.21
N SER A 76 5.89 3.90 -26.48
CA SER A 76 7.09 4.38 -27.17
C SER A 76 7.12 5.90 -27.11
N PRO A 77 8.25 6.51 -26.73
CA PRO A 77 8.32 7.98 -26.77
C PRO A 77 8.06 8.54 -28.15
N SER A 78 8.24 7.74 -29.21
CA SER A 78 8.04 8.25 -30.56
C SER A 78 6.61 8.71 -30.80
N LEU A 79 5.63 8.13 -30.09
CA LEU A 79 4.23 8.48 -30.33
C LEU A 79 3.93 9.92 -29.91
N SER A 80 4.69 10.46 -28.98
CA SER A 80 4.44 11.78 -28.43
C SER A 80 5.63 12.71 -28.66
N ALA A 81 6.50 12.34 -29.61
CA ALA A 81 7.76 13.06 -29.77
C ALA A 81 7.53 14.53 -30.15
N GLY A 82 6.40 14.84 -30.77
CA GLY A 82 6.12 16.22 -31.11
C GLY A 82 5.57 17.06 -29.98
N GLU A 83 5.17 16.43 -28.88
CA GLU A 83 4.54 17.13 -27.79
C GLU A 83 5.57 17.85 -26.91
N ILE A 84 5.10 18.88 -26.22
CA ILE A 84 5.81 19.52 -25.12
C ILE A 84 4.85 19.52 -23.95
N LYS A 85 5.38 19.77 -22.75
CA LYS A 85 4.52 19.73 -21.58
C LYS A 85 3.26 20.58 -21.75
N PRO A 86 3.33 21.81 -22.27
CA PRO A 86 2.09 22.56 -22.54
C PRO A 86 1.10 21.85 -23.44
N THR A 87 1.55 20.98 -24.35
CA THR A 87 0.66 20.31 -25.31
C THR A 87 0.51 18.82 -25.03
N THR A 88 0.84 18.37 -23.81
CA THR A 88 0.90 16.93 -23.55
C THR A 88 -0.48 16.27 -23.62
N THR A 89 -0.51 15.04 -24.11
CA THR A 89 -1.71 14.21 -24.03
C THR A 89 -1.70 13.28 -22.81
N ALA A 90 -0.65 13.29 -22.00
CA ALA A 90 -0.65 12.52 -20.77
C ALA A 90 -1.72 13.04 -19.82
N SER A 91 -2.43 12.12 -19.17
CA SER A 91 -3.41 12.52 -18.18
C SER A 91 -2.79 12.71 -16.81
N ILE A 92 -1.60 12.18 -16.59
CA ILE A 92 -0.90 12.39 -15.32
C ILE A 92 0.35 13.20 -15.64
N PRO A 93 0.30 14.53 -15.48
CA PRO A 93 1.39 15.38 -16.00
C PRO A 93 2.74 15.12 -15.37
N SER A 94 2.79 14.51 -14.18
CA SER A 94 4.08 14.17 -13.59
C SER A 94 4.77 13.00 -14.28
N PHE A 95 4.08 12.27 -15.14
CA PHE A 95 4.69 11.11 -15.77
C PHE A 95 5.84 11.52 -16.68
N ASP A 96 6.91 10.73 -16.64
CA ASP A 96 8.06 10.94 -17.51
C ASP A 96 8.54 9.59 -18.03
N HIS A 97 8.69 9.47 -19.36
CA HIS A 97 9.11 8.21 -19.95
C HIS A 97 10.41 7.73 -19.32
N GLY A 98 11.42 8.60 -19.29
CA GLY A 98 12.72 8.22 -18.75
C GLY A 98 12.65 7.80 -17.30
N SER A 99 11.94 8.56 -16.47
CA SER A 99 11.78 8.21 -15.06
C SER A 99 11.12 6.85 -14.91
N CYS A 100 10.06 6.59 -15.67
CA CYS A 100 9.35 5.34 -15.52
C CYS A 100 10.21 4.16 -15.96
N ARG A 101 10.90 4.28 -17.09
CA ARG A 101 11.74 3.18 -17.52
C ARG A 101 12.90 2.96 -16.56
N SER A 102 13.47 4.05 -16.02
CA SER A 102 14.54 3.92 -15.04
C SER A 102 14.03 3.27 -13.75
N PHE A 103 12.88 3.71 -13.27
CA PHE A 103 12.28 3.11 -12.07
C PHE A 103 12.09 1.60 -12.26
N PHE A 104 11.45 1.19 -13.36
CA PHE A 104 11.14 -0.23 -13.54
C PHE A 104 12.40 -1.04 -13.81
N SER A 105 13.35 -0.50 -14.55
CA SER A 105 14.58 -1.24 -14.77
C SER A 105 15.36 -1.38 -13.47
N SER A 106 15.29 -0.37 -12.58
CA SER A 106 16.03 -0.41 -11.33
C SER A 106 15.33 -1.29 -10.30
N HIS A 107 14.02 -1.14 -10.16
CA HIS A 107 13.32 -1.75 -9.04
C HIS A 107 12.45 -2.93 -9.42
N GLY A 108 12.16 -3.12 -10.72
CA GLY A 108 11.11 -4.04 -11.12
C GLY A 108 9.76 -3.45 -10.72
N LEU A 109 8.74 -4.30 -10.79
CA LEU A 109 7.37 -3.89 -10.49
C LEU A 109 7.24 -3.42 -9.05
N GLY A 110 6.66 -2.23 -8.87
CA GLY A 110 6.52 -1.70 -7.54
C GLY A 110 5.73 -0.41 -7.53
N VAL A 111 5.57 0.12 -6.32
CA VAL A 111 4.76 1.32 -6.10
C VAL A 111 5.62 2.54 -6.40
N ARG A 112 5.16 3.38 -7.32
CA ARG A 112 5.77 4.69 -7.58
C ARG A 112 5.16 5.76 -6.69
N ALA A 113 3.86 5.74 -6.47
CA ALA A 113 3.18 6.84 -5.79
C ALA A 113 2.23 6.32 -4.72
N VAL A 114 2.37 6.88 -3.52
CA VAL A 114 1.39 6.74 -2.44
C VAL A 114 0.63 8.05 -2.45
N ALA A 115 -0.65 8.02 -2.83
CA ALA A 115 -1.41 9.23 -3.04
C ALA A 115 -2.41 9.41 -1.92
N ILE A 116 -2.43 10.61 -1.33
CA ILE A 116 -3.37 10.96 -0.29
C ILE A 116 -4.19 12.15 -0.74
N GLU A 117 -5.48 12.16 -0.38
CA GLU A 117 -6.33 13.28 -0.71
C GLU A 117 -6.15 14.33 0.36
N VAL A 118 -5.99 15.58 -0.07
CA VAL A 118 -5.79 16.71 0.83
C VAL A 118 -6.80 17.80 0.50
N GLU A 119 -6.88 18.81 1.36
CA GLU A 119 -7.79 19.92 1.12
C GLU A 119 -7.33 20.74 -0.09
N ASP A 120 -6.04 21.01 -0.18
CA ASP A 120 -5.48 21.90 -1.19
C ASP A 120 -4.10 21.38 -1.53
N ALA A 121 -3.97 20.74 -2.70
CA ALA A 121 -2.71 20.11 -3.07
C ALA A 121 -1.60 21.13 -3.27
N GLU A 122 -1.94 22.32 -3.80
CA GLU A 122 -0.91 23.34 -3.96
C GLU A 122 -0.40 23.82 -2.60
N SER A 123 -1.31 24.07 -1.66
CA SER A 123 -0.90 24.43 -0.32
C SER A 123 -0.08 23.31 0.33
N ALA A 124 -0.58 22.07 0.25
CA ALA A 124 0.16 20.94 0.81
C ALA A 124 1.58 20.87 0.25
N PHE A 125 1.73 21.05 -1.05
CA PHE A 125 3.04 21.01 -1.67
C PHE A 125 3.94 22.14 -1.15
N SER A 126 3.42 23.37 -1.15
CA SER A 126 4.23 24.51 -0.71
C SER A 126 4.68 24.35 0.73
N ILE A 127 3.74 24.03 1.62
CA ILE A 127 4.08 23.83 3.02
C ILE A 127 5.06 22.68 3.20
N SER A 128 4.85 21.57 2.45
CA SER A 128 5.77 20.45 2.56
C SER A 128 7.19 20.86 2.19
N VAL A 129 7.34 21.55 1.05
CA VAL A 129 8.66 21.91 0.57
C VAL A 129 9.28 22.97 1.48
N ALA A 130 8.46 23.90 1.98
CA ALA A 130 8.98 24.87 2.94
C ALA A 130 9.48 24.18 4.19
N ASN A 131 9.04 22.95 4.44
CA ASN A 131 9.41 22.21 5.64
C ASN A 131 10.31 21.01 5.33
N GLY A 132 11.05 21.05 4.23
CA GLY A 132 12.12 20.12 3.97
C GLY A 132 11.82 19.08 2.91
N ALA A 133 10.58 18.98 2.43
CA ALA A 133 10.27 17.98 1.41
C ALA A 133 11.04 18.27 0.13
N ILE A 134 11.52 17.21 -0.52
CA ILE A 134 12.21 17.33 -1.81
C ILE A 134 11.14 17.31 -2.89
N PRO A 135 11.00 18.37 -3.68
CA PRO A 135 9.95 18.41 -4.69
C PRO A 135 10.19 17.38 -5.78
N SER A 136 9.11 16.79 -6.25
CA SER A 136 9.16 15.85 -7.36
C SER A 136 8.38 16.33 -8.57
N SER A 137 7.16 16.82 -8.37
CA SER A 137 6.39 17.39 -9.45
C SER A 137 5.56 18.53 -8.87
N PRO A 138 5.64 19.72 -9.45
CA PRO A 138 4.96 20.88 -8.87
C PRO A 138 3.45 20.75 -9.03
N PRO A 139 2.67 21.52 -8.28
CA PRO A 139 1.21 21.42 -8.40
C PRO A 139 0.78 21.75 -9.82
N ILE A 140 -0.11 20.92 -10.36
CA ILE A 140 -0.67 21.12 -11.69
C ILE A 140 -2.18 20.98 -11.56
N VAL A 141 -2.92 21.92 -12.13
CA VAL A 141 -4.37 21.90 -12.08
C VAL A 141 -4.89 21.25 -13.35
N LEU A 142 -5.73 20.23 -13.19
CA LEU A 142 -6.26 19.45 -14.30
C LEU A 142 -7.70 19.84 -14.56
N ASN A 143 -7.97 20.36 -15.76
CA ASN A 143 -9.32 20.74 -16.19
C ASN A 143 -10.02 21.63 -15.17
N GLU A 144 -9.24 22.50 -14.52
CA GLU A 144 -9.76 23.41 -13.48
C GLU A 144 -10.54 22.65 -12.41
N ALA A 145 -10.21 21.38 -12.22
CA ALA A 145 -11.06 20.53 -11.39
C ALA A 145 -10.29 19.79 -10.31
N VAL A 146 -9.08 19.34 -10.61
CA VAL A 146 -8.28 18.56 -9.68
C VAL A 146 -6.87 19.10 -9.69
N THR A 147 -6.23 19.15 -8.53
CA THR A 147 -4.84 19.55 -8.43
C THR A 147 -4.01 18.39 -7.90
N ILE A 148 -2.86 18.17 -8.52
CA ILE A 148 -1.96 17.09 -8.17
C ILE A 148 -0.56 17.64 -8.02
N ALA A 149 0.17 17.14 -7.02
CA ALA A 149 1.56 17.51 -6.79
C ALA A 149 2.25 16.35 -6.09
N GLU A 150 3.57 16.31 -6.18
CA GLU A 150 4.34 15.17 -5.68
C GLU A 150 5.62 15.61 -5.01
N VAL A 151 5.93 14.97 -3.88
CA VAL A 151 7.23 15.16 -3.21
C VAL A 151 7.83 13.78 -2.97
N LYS A 152 9.14 13.76 -2.79
CA LYS A 152 9.80 12.48 -2.55
C LYS A 152 9.45 11.97 -1.17
N LEU A 153 9.18 10.67 -1.08
CA LEU A 153 8.89 10.01 0.19
C LEU A 153 10.07 9.21 0.71
N TYR A 154 10.48 8.18 -0.04
CA TYR A 154 11.72 7.44 0.20
C TYR A 154 12.07 6.73 -1.10
N GLY A 155 13.37 6.50 -1.31
CA GLY A 155 13.82 5.89 -2.56
C GLY A 155 13.28 6.65 -3.76
N ASP A 156 12.70 5.93 -4.71
CA ASP A 156 12.03 6.54 -5.85
C ASP A 156 10.52 6.55 -5.70
N VAL A 157 10.01 6.39 -4.48
CA VAL A 157 8.59 6.49 -4.17
C VAL A 157 8.25 7.95 -3.86
N VAL A 158 7.13 8.43 -4.39
CA VAL A 158 6.68 9.79 -4.10
C VAL A 158 5.40 9.76 -3.28
N LEU A 159 5.23 10.79 -2.44
CA LEU A 159 3.96 11.08 -1.81
C LEU A 159 3.20 12.04 -2.72
N ARG A 160 2.04 11.62 -3.18
CA ARG A 160 1.28 12.39 -4.16
C ARG A 160 0.11 13.05 -3.45
N TYR A 161 -0.01 14.37 -3.58
CA TYR A 161 -1.16 15.08 -3.04
C TYR A 161 -2.21 15.27 -4.13
N VAL A 162 -3.46 14.96 -3.80
CA VAL A 162 -4.60 15.17 -4.69
C VAL A 162 -5.65 15.98 -3.95
N SER A 163 -6.17 17.03 -4.59
CA SER A 163 -7.29 17.80 -4.03
C SER A 163 -8.30 18.09 -5.12
N TYR A 164 -9.58 18.04 -4.76
CA TYR A 164 -10.67 18.23 -5.71
C TYR A 164 -11.43 19.51 -5.39
N LYS A 165 -11.74 20.29 -6.42
CA LYS A 165 -12.59 21.45 -6.21
C LYS A 165 -13.98 21.01 -5.76
N ALA A 166 -14.59 20.08 -6.49
CA ALA A 166 -15.90 19.55 -6.11
C ALA A 166 -15.75 18.29 -5.26
N GLU A 173 -14.21 10.19 -12.90
CA GLU A 173 -14.27 10.70 -11.52
C GLU A 173 -12.88 10.63 -10.89
N PHE A 174 -12.05 9.76 -11.45
CA PHE A 174 -10.73 9.58 -10.88
C PHE A 174 -9.92 10.83 -11.10
N LEU A 175 -9.58 11.10 -12.36
CA LEU A 175 -8.82 12.26 -12.79
C LEU A 175 -9.36 12.70 -14.14
N PRO A 176 -9.28 13.99 -14.44
CA PRO A 176 -9.60 14.43 -15.81
C PRO A 176 -8.78 13.67 -16.83
N GLY A 177 -9.40 13.34 -17.96
CA GLY A 177 -8.74 12.58 -18.99
C GLY A 177 -8.91 11.07 -18.87
N PHE A 178 -9.32 10.59 -17.70
CA PHE A 178 -9.64 9.17 -17.56
C PHE A 178 -11.09 8.96 -17.95
N GLU A 179 -11.35 7.87 -18.66
CA GLU A 179 -12.71 7.50 -19.02
C GLU A 179 -13.16 6.33 -18.16
N ARG A 180 -14.44 6.36 -17.79
CA ARG A 180 -15.05 5.23 -17.09
C ARG A 180 -15.02 4.00 -17.99
N VAL A 181 -14.78 2.84 -17.41
CA VAL A 181 -14.65 1.64 -18.23
C VAL A 181 -16.04 1.07 -18.49
N GLU A 182 -16.32 0.75 -19.75
CA GLU A 182 -17.63 0.25 -20.13
C GLU A 182 -17.94 -1.05 -19.41
N ASP A 183 -19.20 -1.20 -19.02
CA ASP A 183 -19.57 -2.30 -18.12
C ASP A 183 -19.30 -3.66 -18.73
N ALA A 184 -19.31 -3.76 -20.07
CA ALA A 184 -19.02 -5.03 -20.72
C ALA A 184 -17.59 -5.49 -20.46
N SER A 185 -16.66 -4.54 -20.33
CA SER A 185 -15.29 -4.84 -19.95
C SER A 185 -15.07 -4.69 -18.45
N SER A 186 -16.12 -4.41 -17.67
CA SER A 186 -16.01 -4.14 -16.24
C SER A 186 -16.84 -5.16 -15.47
N PHE A 187 -16.25 -6.32 -15.21
CA PHE A 187 -16.88 -7.40 -14.43
C PHE A 187 -16.87 -7.06 -12.94
N PRO A 188 -18.01 -7.16 -12.24
CA PRO A 188 -18.08 -6.62 -10.86
C PRO A 188 -17.51 -7.56 -9.80
N LEU A 189 -16.23 -7.91 -9.96
CA LEU A 189 -15.56 -8.72 -8.96
C LEU A 189 -15.51 -7.99 -7.63
N ASP A 190 -15.62 -8.75 -6.54
CA ASP A 190 -15.48 -8.19 -5.20
C ASP A 190 -15.25 -9.31 -4.20
N TYR A 191 -14.06 -9.37 -3.58
CA TYR A 191 -13.80 -10.37 -2.55
C TYR A 191 -13.82 -9.78 -1.16
N GLY A 192 -14.29 -8.54 -1.00
CA GLY A 192 -14.44 -7.95 0.31
C GLY A 192 -13.45 -6.86 0.67
N ILE A 193 -12.44 -6.58 -0.16
CA ILE A 193 -11.48 -5.55 0.19
C ILE A 193 -12.11 -4.17 0.03
N ARG A 194 -11.83 -3.28 0.98
CA ARG A 194 -12.57 -2.04 1.04
C ARG A 194 -11.70 -0.78 1.09
N ARG A 195 -10.50 -0.83 1.65
CA ARG A 195 -9.68 0.38 1.66
C ARG A 195 -8.23 0.04 2.01
N LEU A 196 -7.34 1.00 1.72
CA LEU A 196 -5.95 0.90 2.13
C LEU A 196 -5.81 1.26 3.60
N ASP A 197 -5.28 0.33 4.39
CA ASP A 197 -5.10 0.60 5.81
C ASP A 197 -3.76 1.25 6.10
N HIS A 198 -2.66 0.72 5.55
CA HIS A 198 -1.36 1.35 5.73
C HIS A 198 -0.45 0.95 4.58
N ALA A 199 0.61 1.75 4.39
CA ALA A 199 1.59 1.53 3.32
C ALA A 199 2.97 1.68 3.94
N VAL A 200 3.81 0.66 3.78
CA VAL A 200 5.03 0.50 4.57
C VAL A 200 6.24 0.62 3.66
N GLY A 201 7.21 1.42 4.08
CA GLY A 201 8.46 1.56 3.36
C GLY A 201 9.62 0.88 4.06
N ASN A 202 10.58 0.40 3.27
CA ASN A 202 11.85 -0.11 3.77
C ASN A 202 12.94 0.88 3.40
N VAL A 203 13.79 1.25 4.37
CA VAL A 203 14.88 2.19 4.14
C VAL A 203 16.14 1.63 4.79
N PRO A 204 17.32 2.11 4.37
CA PRO A 204 18.55 1.68 5.03
C PRO A 204 18.71 2.25 6.44
N GLU A 205 18.22 3.46 6.69
CA GLU A 205 18.38 4.11 7.99
C GLU A 205 17.06 4.74 8.41
N LEU A 206 16.46 4.20 9.46
CA LEU A 206 15.13 4.62 9.89
C LEU A 206 15.12 6.04 10.43
N GLY A 207 16.13 6.41 11.23
CA GLY A 207 16.17 7.70 11.88
C GLY A 207 15.99 8.85 10.92
N PRO A 208 16.90 8.97 9.94
CA PRO A 208 16.78 10.07 8.96
C PRO A 208 15.52 10.02 8.13
N ALA A 209 15.02 8.81 7.81
CA ALA A 209 13.77 8.72 7.06
C ALA A 209 12.61 9.30 7.86
N LEU A 210 12.50 8.91 9.13
CA LEU A 210 11.44 9.45 9.99
C LEU A 210 11.55 10.96 10.13
N THR A 211 12.75 11.44 10.44
CA THR A 211 12.96 12.88 10.60
C THR A 211 12.54 13.63 9.34
N TYR A 212 12.89 13.11 8.16
CA TYR A 212 12.52 13.75 6.91
C TYR A 212 11.00 13.80 6.74
N VAL A 213 10.34 12.64 6.80
CA VAL A 213 8.91 12.62 6.49
C VAL A 213 8.10 13.33 7.56
N ALA A 214 8.33 13.01 8.83
CA ALA A 214 7.62 13.73 9.90
C ALA A 214 7.92 15.22 9.85
N GLY A 215 9.11 15.59 9.36
CA GLY A 215 9.49 16.99 9.26
C GLY A 215 8.59 17.78 8.31
N PHE A 216 8.30 17.21 7.13
CA PHE A 216 7.53 18.00 6.16
C PHE A 216 6.02 17.77 6.23
N THR A 217 5.55 16.73 6.90
CA THR A 217 4.11 16.50 7.02
C THR A 217 3.55 16.97 8.35
N GLY A 218 4.35 16.92 9.41
CA GLY A 218 3.80 17.03 10.73
C GLY A 218 3.14 15.77 11.23
N PHE A 219 3.26 14.66 10.51
CA PHE A 219 2.73 13.40 11.00
C PHE A 219 3.45 13.02 12.30
N HIS A 220 2.70 12.45 13.22
CA HIS A 220 3.22 12.11 14.54
C HIS A 220 3.48 10.60 14.62
N GLN A 221 4.33 10.22 15.57
CA GLN A 221 4.59 8.80 15.76
C GLN A 221 3.40 8.10 16.42
N PHE A 222 3.00 6.99 15.83
CA PHE A 222 1.85 6.21 16.29
C PHE A 222 2.34 5.17 17.30
N ALA A 223 1.73 5.18 18.49
CA ALA A 223 2.19 4.33 19.59
C ALA A 223 1.89 2.86 19.33
N GLU A 224 2.82 1.99 19.72
CA GLU A 224 2.68 0.54 19.57
C GLU A 224 2.71 -0.13 20.93
N PHE A 225 2.07 -1.30 20.99
CA PHE A 225 1.69 -2.02 22.23
C PHE A 225 1.64 -1.13 23.47
N GLU A 234 13.51 -9.05 18.50
CA GLU A 234 14.87 -9.23 18.00
C GLU A 234 14.87 -10.03 16.68
N SER A 235 13.96 -9.67 15.77
CA SER A 235 13.72 -10.44 14.56
C SER A 235 13.68 -9.53 13.33
N GLY A 236 14.85 -9.07 12.91
CA GLY A 236 15.01 -8.56 11.57
C GLY A 236 14.99 -7.06 11.35
N LEU A 237 14.14 -6.32 12.06
CA LEU A 237 13.88 -4.92 11.71
C LEU A 237 13.72 -4.07 12.95
N ASN A 238 13.89 -2.76 12.75
CA ASN A 238 13.34 -1.73 13.62
C ASN A 238 12.34 -0.94 12.80
N SER A 239 11.29 -0.45 13.45
CA SER A 239 10.26 0.25 12.70
C SER A 239 9.58 1.27 13.57
N ALA A 240 8.89 2.20 12.90
CA ALA A 240 8.07 3.21 13.54
C ALA A 240 6.99 3.62 12.55
N VAL A 241 5.90 4.13 13.09
CA VAL A 241 4.72 4.44 12.28
C VAL A 241 4.42 5.92 12.39
N LEU A 242 4.32 6.58 11.24
CA LEU A 242 3.89 7.97 11.16
C LEU A 242 2.40 8.01 10.81
N ALA A 243 1.67 8.95 11.42
CA ALA A 243 0.21 9.00 11.29
C ALA A 243 -0.28 10.44 11.13
N SER A 244 -1.36 10.59 10.37
CA SER A 244 -2.03 11.87 10.23
C SER A 244 -2.82 12.18 11.51
N ASN A 245 -3.52 13.33 11.50
CA ASN A 245 -4.19 13.82 12.71
C ASN A 245 -5.22 12.82 13.24
N ASP A 246 -6.07 12.30 12.36
CA ASP A 246 -7.05 11.31 12.80
C ASP A 246 -6.54 9.89 12.66
N GLU A 247 -5.26 9.72 12.33
CA GLU A 247 -4.57 8.45 12.29
C GLU A 247 -5.19 7.49 11.28
N MET A 248 -5.78 8.06 10.22
CA MET A 248 -6.30 7.28 9.11
C MET A 248 -5.31 7.15 7.95
N VAL A 249 -4.32 8.02 7.87
CA VAL A 249 -3.19 7.84 6.96
C VAL A 249 -2.04 7.35 7.82
N LEU A 250 -1.61 6.12 7.56
CA LEU A 250 -0.62 5.42 8.37
C LEU A 250 0.53 5.00 7.48
N LEU A 251 1.73 5.44 7.81
CA LEU A 251 2.93 5.22 7.00
C LEU A 251 4.04 4.64 7.87
N PRO A 252 4.04 3.33 8.09
CA PRO A 252 5.18 2.71 8.78
C PRO A 252 6.43 2.71 7.92
N ILE A 253 7.58 2.71 8.59
CA ILE A 253 8.89 2.63 7.93
C ILE A 253 9.76 1.65 8.70
N ASN A 254 10.45 0.75 7.98
CA ASN A 254 11.35 -0.24 8.54
C ASN A 254 12.79 0.06 8.15
N GLU A 255 13.72 -0.34 9.01
CA GLU A 255 15.15 -0.44 8.69
C GLU A 255 15.63 -1.82 9.08
N PRO A 256 16.70 -2.32 8.46
CA PRO A 256 17.19 -3.66 8.82
C PRO A 256 17.93 -3.65 10.15
N VAL A 257 17.97 -4.82 10.78
CA VAL A 257 18.86 -5.06 11.93
C VAL A 257 19.90 -6.07 11.47
N HIS A 258 21.15 -5.63 11.42
CA HIS A 258 22.24 -6.42 10.86
C HIS A 258 22.89 -7.31 11.91
N GLY A 259 23.71 -8.26 11.43
CA GLY A 259 24.42 -9.15 12.32
C GLY A 259 23.53 -10.08 13.10
N THR A 260 22.53 -10.67 12.44
CA THR A 260 21.58 -11.57 13.07
C THR A 260 21.72 -12.98 12.51
N LYS A 261 21.14 -13.94 13.23
CA LYS A 261 21.23 -15.34 12.84
C LYS A 261 20.63 -15.56 11.45
N ARG A 262 19.33 -15.27 11.30
CA ARG A 262 18.68 -15.27 10.00
C ARG A 262 18.78 -13.90 9.38
N LYS A 263 19.19 -13.84 8.12
CA LYS A 263 19.41 -12.56 7.46
C LYS A 263 18.13 -11.74 7.42
N SER A 264 18.27 -10.42 7.60
CA SER A 264 17.10 -9.55 7.68
C SER A 264 16.38 -9.51 6.33
N GLN A 265 15.06 -9.75 6.38
CA GLN A 265 14.25 -9.57 5.18
C GLN A 265 14.25 -8.12 4.70
N ILE A 266 14.49 -7.16 5.60
CA ILE A 266 14.60 -5.77 5.16
C ILE A 266 15.86 -5.57 4.33
N GLN A 267 16.96 -6.21 4.73
CA GLN A 267 18.19 -6.13 3.95
C GLN A 267 18.02 -6.83 2.61
N THR A 268 17.38 -8.01 2.60
CA THR A 268 17.12 -8.69 1.33
C THR A 268 16.30 -7.80 0.41
N TYR A 269 15.25 -7.16 0.93
CA TYR A 269 14.49 -6.21 0.14
C TYR A 269 15.40 -5.16 -0.50
N LEU A 270 16.20 -4.48 0.32
CA LEU A 270 17.02 -3.38 -0.20
C LEU A 270 17.96 -3.86 -1.30
N GLU A 271 18.47 -5.07 -1.17
CA GLU A 271 19.38 -5.60 -2.18
C GLU A 271 18.64 -5.88 -3.48
N HIS A 272 17.51 -6.58 -3.41
CA HIS A 272 16.81 -6.96 -4.64
C HIS A 272 16.07 -5.79 -5.26
N ASN A 273 15.68 -4.80 -4.46
CA ASN A 273 14.99 -3.63 -4.96
C ASN A 273 15.93 -2.55 -5.45
N GLU A 274 17.23 -2.72 -5.27
CA GLU A 274 18.20 -1.64 -5.48
C GLU A 274 17.85 -0.44 -4.61
N GLY A 275 17.67 -0.69 -3.32
CA GLY A 275 17.51 0.40 -2.36
C GLY A 275 16.11 0.54 -1.82
N ALA A 276 15.88 1.67 -1.17
CA ALA A 276 14.65 1.92 -0.45
C ALA A 276 13.45 1.89 -1.40
N GLY A 277 12.29 1.55 -0.84
CA GLY A 277 11.07 1.48 -1.62
C GLY A 277 9.92 1.00 -0.74
N LEU A 278 8.77 0.87 -1.38
CA LEU A 278 7.59 0.43 -0.65
C LEU A 278 7.64 -1.07 -0.45
N GLN A 279 7.48 -1.51 0.81
CA GLN A 279 7.57 -2.93 1.17
C GLN A 279 6.21 -3.63 1.08
N HIS A 280 5.21 -3.13 1.79
CA HIS A 280 3.92 -3.80 1.68
C HIS A 280 2.76 -2.82 1.79
N LEU A 281 1.67 -3.20 1.14
CA LEU A 281 0.39 -2.51 1.20
C LEU A 281 -0.57 -3.35 2.02
N ALA A 282 -1.18 -2.76 3.04
CA ALA A 282 -2.13 -3.46 3.87
C ALA A 282 -3.54 -3.04 3.50
N LEU A 283 -4.34 -3.99 3.03
CA LEU A 283 -5.66 -3.76 2.48
C LEU A 283 -6.69 -4.26 3.49
N MET A 284 -7.56 -3.36 3.94
CA MET A 284 -8.58 -3.74 4.90
C MET A 284 -9.71 -4.47 4.20
N SER A 285 -10.14 -5.57 4.80
CA SER A 285 -11.28 -6.34 4.33
C SER A 285 -12.45 -6.14 5.30
N GLU A 286 -13.65 -6.03 4.75
CA GLU A 286 -14.83 -6.05 5.61
C GLU A 286 -15.21 -7.46 6.03
N ASP A 287 -14.51 -8.48 5.54
CA ASP A 287 -14.79 -9.87 5.92
C ASP A 287 -13.57 -10.69 5.48
N ILE A 288 -12.57 -10.76 6.37
CA ILE A 288 -11.29 -11.31 5.97
C ILE A 288 -11.42 -12.79 5.65
N PHE A 289 -12.40 -13.47 6.23
CA PHE A 289 -12.56 -14.88 5.90
C PHE A 289 -13.05 -15.07 4.48
N ARG A 290 -14.02 -14.26 4.05
CA ARG A 290 -14.44 -14.34 2.65
C ARG A 290 -13.31 -13.93 1.71
N THR A 291 -12.59 -12.85 2.05
CA THR A 291 -11.48 -12.43 1.18
C THR A 291 -10.46 -13.55 1.02
N LEU A 292 -10.06 -14.18 2.13
CA LEU A 292 -9.03 -15.20 2.02
C LEU A 292 -9.56 -16.47 1.35
N ARG A 293 -10.83 -16.81 1.55
CA ARG A 293 -11.38 -17.93 0.80
C ARG A 293 -11.31 -17.66 -0.70
N GLU A 294 -11.74 -16.47 -1.12
CA GLU A 294 -11.77 -16.14 -2.54
C GLU A 294 -10.36 -16.03 -3.12
N MET A 295 -9.44 -15.38 -2.41
CA MET A 295 -8.07 -15.26 -2.93
C MET A 295 -7.37 -16.61 -2.98
N ARG A 296 -7.55 -17.46 -1.95
CA ARG A 296 -6.86 -18.74 -1.93
C ARG A 296 -7.38 -19.68 -3.02
N LYS A 297 -8.66 -19.58 -3.37
CA LYS A 297 -9.18 -20.36 -4.48
C LYS A 297 -8.45 -20.05 -5.77
N ARG A 298 -7.93 -18.83 -5.91
CA ARG A 298 -7.36 -18.37 -7.17
C ARG A 298 -5.83 -18.35 -7.18
N SER A 299 -5.17 -18.74 -6.08
CA SER A 299 -3.71 -18.67 -6.00
C SER A 299 -3.03 -19.37 -7.16
N SER A 300 -3.50 -20.55 -7.54
CA SER A 300 -2.84 -21.35 -8.56
C SER A 300 -3.45 -21.18 -9.94
N ILE A 301 -4.41 -20.27 -10.08
CA ILE A 301 -5.02 -19.99 -11.37
C ILE A 301 -4.96 -18.50 -11.67
N GLY A 302 -3.79 -17.91 -11.45
CA GLY A 302 -3.53 -16.54 -11.87
C GLY A 302 -3.47 -15.54 -10.75
N GLY A 303 -3.89 -15.91 -9.54
CA GLY A 303 -3.98 -14.97 -8.43
C GLY A 303 -2.71 -14.89 -7.61
N PHE A 304 -2.84 -14.72 -6.30
CA PHE A 304 -1.72 -14.47 -5.42
C PHE A 304 -1.54 -15.66 -4.47
N ASP A 305 -0.28 -15.98 -4.17
CA ASP A 305 0.07 -17.00 -3.20
C ASP A 305 0.23 -16.38 -1.83
N PHE A 306 0.05 -17.18 -0.80
CA PHE A 306 0.19 -16.69 0.56
C PHE A 306 1.39 -17.33 1.23
N MET A 307 1.86 -16.67 2.28
CA MET A 307 2.93 -17.18 3.13
C MET A 307 2.57 -18.58 3.63
N PRO A 308 3.55 -19.41 3.98
CA PRO A 308 3.23 -20.71 4.57
C PRO A 308 2.46 -20.53 5.88
N SER A 309 1.49 -21.41 6.11
CA SER A 309 0.63 -21.29 7.28
C SER A 309 1.44 -21.58 8.55
N PRO A 310 1.10 -20.94 9.66
CA PRO A 310 1.76 -21.25 10.92
C PRO A 310 1.36 -22.63 11.41
N PRO A 311 2.14 -23.24 12.29
CA PRO A 311 1.83 -24.60 12.75
C PRO A 311 0.57 -24.61 13.60
N PRO A 312 -0.03 -25.79 13.83
CA PRO A 312 -1.23 -25.84 14.67
C PRO A 312 -1.02 -25.35 16.08
N THR A 313 0.22 -25.38 16.58
CA THR A 313 0.51 -24.81 17.90
C THR A 313 0.10 -23.36 17.97
N TYR A 314 0.35 -22.59 16.91
CA TYR A 314 -0.08 -21.19 16.88
C TYR A 314 -1.57 -21.08 17.13
N TYR A 315 -2.37 -21.91 16.47
CA TYR A 315 -3.81 -21.81 16.64
C TYR A 315 -4.27 -22.38 17.96
N GLN A 316 -3.57 -23.40 18.47
CA GLN A 316 -3.84 -23.86 19.83
C GLN A 316 -3.59 -22.73 20.83
N ASN A 317 -2.53 -21.95 20.63
CA ASN A 317 -2.21 -20.84 21.51
C ASN A 317 -3.15 -19.66 21.34
N LEU A 318 -4.01 -19.67 20.31
CA LEU A 318 -4.91 -18.54 20.09
C LEU A 318 -5.99 -18.46 21.16
N LYS A 319 -6.43 -19.60 21.68
CA LYS A 319 -7.51 -19.57 22.67
C LYS A 319 -7.12 -18.75 23.89
N LYS A 320 -5.87 -18.91 24.35
CA LYS A 320 -5.40 -18.23 25.56
C LYS A 320 -5.23 -16.73 25.38
N ARG A 321 -5.17 -16.23 24.15
CA ARG A 321 -4.97 -14.80 23.98
C ARG A 321 -6.13 -14.07 23.33
N VAL A 322 -6.96 -14.73 22.53
CA VAL A 322 -8.06 -14.05 21.87
C VAL A 322 -9.36 -14.83 22.03
N GLY A 323 -9.36 -15.82 22.93
CA GLY A 323 -10.53 -16.63 23.19
C GLY A 323 -11.75 -15.84 23.64
N ASP A 324 -11.56 -14.59 24.05
CA ASP A 324 -12.66 -13.71 24.43
C ASP A 324 -13.14 -12.84 23.27
N VAL A 325 -12.45 -12.85 22.14
CA VAL A 325 -12.84 -12.06 20.98
C VAL A 325 -13.35 -12.94 19.85
N LEU A 326 -12.77 -14.13 19.69
CA LEU A 326 -13.15 -15.05 18.63
C LEU A 326 -13.65 -16.35 19.24
N SER A 327 -14.74 -16.86 18.68
CA SER A 327 -15.22 -18.17 19.08
C SER A 327 -14.26 -19.24 18.61
N ASP A 328 -14.48 -20.47 19.09
CA ASP A 328 -13.65 -21.59 18.64
C ASP A 328 -13.82 -21.84 17.15
N ASP A 329 -15.05 -21.74 16.65
CA ASP A 329 -15.28 -21.91 15.21
C ASP A 329 -14.56 -20.82 14.42
N GLN A 330 -14.64 -19.57 14.86
CA GLN A 330 -13.92 -18.50 14.19
C GLN A 330 -12.41 -18.70 14.29
N ILE A 331 -11.95 -19.35 15.37
CA ILE A 331 -10.52 -19.63 15.50
C ILE A 331 -10.11 -20.76 14.56
N LYS A 332 -10.93 -21.80 14.45
CA LYS A 332 -10.60 -22.85 13.48
C LYS A 332 -10.77 -22.35 12.05
N GLU A 333 -11.63 -21.35 11.82
CA GLU A 333 -11.70 -20.74 10.49
C GLU A 333 -10.43 -19.95 10.18
N CYS A 334 -9.86 -19.27 11.19
CA CYS A 334 -8.53 -18.68 11.03
C CYS A 334 -7.52 -19.76 10.68
N GLU A 335 -7.62 -20.94 11.32
CA GLU A 335 -6.65 -21.99 11.07
C GLU A 335 -6.77 -22.54 9.65
N GLU A 336 -7.99 -22.69 9.14
CA GLU A 336 -8.16 -23.20 7.78
C GLU A 336 -7.53 -22.27 6.76
N LEU A 337 -7.54 -20.97 7.03
CA LEU A 337 -7.13 -19.97 6.06
C LEU A 337 -5.73 -19.44 6.29
N GLY A 338 -5.06 -19.84 7.37
CA GLY A 338 -3.73 -19.37 7.67
C GLY A 338 -3.67 -17.96 8.22
N ILE A 339 -4.76 -17.47 8.79
CA ILE A 339 -4.84 -16.10 9.28
C ILE A 339 -4.10 -15.98 10.60
N LEU A 340 -3.42 -14.83 10.80
CA LEU A 340 -2.75 -14.48 12.03
C LEU A 340 -3.60 -13.52 12.84
N VAL A 341 -3.42 -13.56 14.16
CA VAL A 341 -4.20 -12.73 15.07
C VAL A 341 -3.23 -12.06 16.06
N ASP A 342 -3.39 -10.76 16.25
CA ASP A 342 -2.67 -10.06 17.31
C ASP A 342 -3.64 -9.12 18.00
N ARG A 343 -3.20 -8.57 19.13
CA ARG A 343 -4.10 -7.81 19.98
C ARG A 343 -3.35 -6.67 20.64
N ASP A 344 -4.00 -5.52 20.71
CA ASP A 344 -3.49 -4.32 21.37
C ASP A 344 -4.01 -4.30 22.81
N ASP A 345 -4.03 -3.12 23.41
CA ASP A 345 -4.85 -2.85 24.59
C ASP A 345 -6.22 -2.30 24.22
N GLN A 346 -6.41 -1.89 22.96
CA GLN A 346 -7.68 -1.36 22.50
C GLN A 346 -8.42 -2.26 21.54
N GLY A 347 -7.72 -3.04 20.72
CA GLY A 347 -8.38 -3.82 19.70
C GLY A 347 -7.61 -5.07 19.32
N THR A 348 -8.22 -5.84 18.43
CA THR A 348 -7.68 -7.09 17.90
C THR A 348 -7.55 -6.95 16.40
N LEU A 349 -6.54 -7.59 15.82
CA LEU A 349 -6.42 -7.57 14.37
C LEU A 349 -6.22 -8.97 13.83
N LEU A 350 -6.84 -9.22 12.69
CA LEU A 350 -6.61 -10.42 11.89
C LEU A 350 -5.81 -10.00 10.66
N GLN A 351 -4.77 -10.77 10.32
CA GLN A 351 -3.90 -10.38 9.21
C GLN A 351 -3.30 -11.61 8.54
N ILE A 352 -2.88 -11.44 7.28
CA ILE A 352 -2.18 -12.47 6.55
C ILE A 352 -1.39 -11.78 5.45
N PHE A 353 -0.31 -12.42 5.01
CA PHE A 353 0.62 -11.83 4.04
C PHE A 353 0.75 -12.70 2.80
N THR A 354 0.75 -12.05 1.65
CA THR A 354 1.03 -12.75 0.41
C THR A 354 2.53 -12.96 0.23
N LYS A 355 2.85 -13.91 -0.63
CA LYS A 355 4.19 -13.97 -1.20
C LYS A 355 4.39 -12.73 -2.08
N PRO A 356 5.64 -12.45 -2.48
CA PRO A 356 5.88 -11.24 -3.27
C PRO A 356 5.00 -11.19 -4.52
N LEU A 357 4.60 -9.97 -4.89
CA LEU A 357 3.66 -9.75 -5.96
C LEU A 357 4.26 -9.97 -7.34
N GLY A 358 5.59 -9.86 -7.47
CA GLY A 358 6.20 -10.07 -8.77
C GLY A 358 7.44 -10.93 -8.69
N ASP A 359 8.36 -10.75 -9.65
CA ASP A 359 9.54 -11.60 -9.74
C ASP A 359 10.46 -11.44 -8.53
N ARG A 360 10.58 -10.21 -8.00
CA ARG A 360 11.61 -9.99 -6.99
C ARG A 360 11.03 -10.16 -5.58
N PRO A 361 11.88 -10.58 -4.60
CA PRO A 361 11.41 -10.70 -3.21
C PRO A 361 11.35 -9.34 -2.54
N THR A 362 10.44 -8.51 -3.00
CA THR A 362 10.38 -7.11 -2.58
C THR A 362 8.97 -6.80 -2.08
N ILE A 363 8.09 -6.31 -2.93
CA ILE A 363 6.77 -5.86 -2.47
C ILE A 363 5.84 -7.07 -2.25
N PHE A 364 5.04 -7.00 -1.20
CA PHE A 364 3.96 -7.96 -0.97
C PHE A 364 2.76 -7.22 -0.42
N ILE A 365 1.67 -7.97 -0.24
CA ILE A 365 0.40 -7.41 0.24
C ILE A 365 0.04 -8.10 1.55
N GLU A 366 -0.54 -7.32 2.45
CA GLU A 366 -1.15 -7.81 3.68
C GLU A 366 -2.65 -7.61 3.57
N ILE A 367 -3.43 -8.61 3.97
CA ILE A 367 -4.86 -8.43 4.16
C ILE A 367 -5.13 -8.34 5.64
N ILE A 368 -5.99 -7.41 6.04
CA ILE A 368 -6.18 -7.11 7.46
C ILE A 368 -7.64 -6.81 7.73
N GLN A 369 -8.08 -7.16 8.94
CA GLN A 369 -9.36 -6.71 9.46
C GLN A 369 -9.19 -6.46 10.94
N ARG A 370 -9.76 -5.36 11.41
CA ARG A 370 -9.59 -4.86 12.77
C ARG A 370 -10.90 -4.96 13.53
N VAL A 371 -10.82 -5.36 14.80
CA VAL A 371 -11.99 -5.51 15.66
C VAL A 371 -11.78 -4.63 16.88
N GLY A 372 -12.71 -3.69 17.09
CA GLY A 372 -12.68 -2.86 18.27
C GLY A 372 -12.64 -1.37 18.00
N CYS A 373 -12.26 -0.59 19.01
CA CYS A 373 -12.07 0.86 18.91
C CYS A 373 -13.22 1.55 18.18
N MET A 374 -14.45 1.19 18.57
CA MET A 374 -15.62 1.84 18.02
C MET A 374 -15.91 3.14 18.75
N MET A 375 -16.36 4.15 18.01
CA MET A 375 -16.79 5.41 18.63
C MET A 375 -18.11 5.84 17.99
N TYR A 383 -17.88 4.75 14.20
CA TYR A 383 -16.72 4.52 13.35
C TYR A 383 -15.58 3.87 14.14
N GLN A 384 -14.64 3.29 13.41
CA GLN A 384 -13.47 2.65 14.02
C GLN A 384 -12.30 3.61 13.96
N SER A 385 -11.59 3.74 15.08
CA SER A 385 -10.40 4.59 15.08
C SER A 385 -9.28 3.90 14.30
N GLY A 386 -8.40 4.72 13.72
CA GLY A 386 -7.35 4.17 12.88
C GLY A 386 -6.34 3.37 13.66
N GLY A 387 -5.83 2.31 13.04
CA GLY A 387 -4.80 1.51 13.64
C GLY A 387 -5.26 0.64 14.78
N CYS A 388 -6.57 0.44 14.93
CA CYS A 388 -7.13 -0.36 16.01
C CYS A 388 -6.54 -1.75 16.10
N GLY A 389 -5.81 -2.03 17.19
CA GLY A 389 -5.17 -3.31 17.36
C GLY A 389 -3.69 -3.32 17.03
N GLY A 390 -3.18 -2.24 16.45
CA GLY A 390 -1.77 -2.16 16.12
C GLY A 390 -1.45 -2.68 14.73
N PHE A 391 -0.27 -3.27 14.57
CA PHE A 391 0.16 -3.75 13.26
C PHE A 391 0.63 -5.20 13.31
N GLY A 392 0.44 -5.88 14.43
CA GLY A 392 0.74 -7.30 14.49
C GLY A 392 2.16 -7.64 14.88
N LYS A 393 2.89 -6.70 15.47
CA LYS A 393 4.29 -6.98 15.82
C LYS A 393 4.40 -8.05 16.88
N GLY A 394 3.33 -8.28 17.67
CA GLY A 394 3.33 -9.41 18.58
C GLY A 394 3.40 -10.75 17.88
N ASN A 395 3.14 -10.78 16.56
CA ASN A 395 3.15 -12.03 15.82
C ASN A 395 4.55 -12.51 15.47
N PHE A 396 5.56 -11.62 15.50
CA PHE A 396 6.93 -12.09 15.39
C PHE A 396 7.28 -13.00 16.55
N SER A 397 7.00 -12.55 17.77
CA SER A 397 7.21 -13.36 18.97
C SER A 397 6.44 -14.67 18.88
N GLU A 398 5.12 -14.58 18.66
CA GLU A 398 4.27 -15.76 18.73
C GLU A 398 4.59 -16.77 17.64
N LEU A 399 5.00 -16.28 16.45
CA LEU A 399 5.39 -17.22 15.40
C LEU A 399 6.64 -17.98 15.77
N PHE A 400 7.63 -17.30 16.35
CA PHE A 400 8.83 -17.99 16.82
C PHE A 400 8.49 -19.04 17.87
N LYS A 401 7.75 -18.63 18.91
CA LYS A 401 7.37 -19.56 19.97
C LYS A 401 6.58 -20.73 19.40
N SER A 402 5.59 -20.43 18.54
CA SER A 402 4.72 -21.48 18.02
C SER A 402 5.51 -22.47 17.15
N ILE A 403 6.49 -21.99 16.40
CA ILE A 403 7.32 -22.89 15.61
C ILE A 403 8.20 -23.74 16.52
N GLU A 404 8.73 -23.14 17.60
CA GLU A 404 9.52 -23.91 18.56
C GLU A 404 8.67 -24.98 19.22
N GLU A 405 7.50 -24.61 19.74
CA GLU A 405 6.62 -25.57 20.39
C GLU A 405 6.20 -26.70 19.43
N TYR A 406 6.04 -26.39 18.14
CA TYR A 406 5.55 -27.40 17.21
C TYR A 406 6.63 -28.43 16.89
N GLU A 407 7.89 -28.00 16.81
CA GLU A 407 8.98 -28.96 16.65
C GLU A 407 9.04 -29.91 17.83
N LYS A 408 8.75 -29.42 19.04
CA LYS A 408 8.71 -30.28 20.21
C LYS A 408 7.53 -31.24 20.16
N THR A 409 6.48 -30.90 19.40
CA THR A 409 5.24 -31.68 19.33
C THR A 409 4.67 -31.93 20.73
CO CO B . 1.46 -4.31 8.08
N12 O3Q C . 6.06 -12.08 9.34
C13 O3Q C . 5.74 -10.76 8.79
C17 O3Q C . 4.80 -4.92 11.31
C20 O3Q C . 5.94 -14.04 7.81
C21 O3Q C . 6.60 -14.37 6.45
C22 O3Q C . 6.66 -15.91 6.23
C1 O3Q C . 3.73 -7.43 9.96
C2 O3Q C . 3.25 -7.84 11.35
C3 O3Q C . 3.63 -9.24 11.84
C4 O3Q C . 4.48 -10.18 10.93
C5 O3Q C . 4.94 -9.77 9.59
C6 O3Q C . 4.56 -8.35 9.06
C7 O3Q C . 3.34 -6.03 9.48
C8 O3Q C . 3.89 -4.86 10.27
C14 O3Q C . 3.53 -3.56 10.08
C19 O3Q C . 6.85 -13.04 8.57
C23 O3Q C . 4.98 -7.80 7.67
C25 O3Q C . 4.13 -1.37 11.12
N10 O3Q C . 4.79 -11.51 11.48
N11 O3Q C . 5.59 -12.46 10.69
N15 O3Q C . 4.21 -2.82 10.98
N16 O3Q C . 5.00 -3.68 11.74
O9 O3Q C . 2.56 -5.90 8.58
O18 O3Q C . 6.15 -10.50 7.70
O24 O3Q C . 2.62 -3.11 9.11
#